data_6QGD
#
_entry.id   6QGD
#
_cell.length_a   100.480
_cell.length_b   135.750
_cell.length_c   38.010
_cell.angle_alpha   90.000
_cell.angle_beta   90.000
_cell.angle_gamma   90.000
#
_symmetry.space_group_name_H-M   'P 21 21 2'
#
loop_
_entity.id
_entity.type
_entity.pdbx_description
1 polymer 'Maltose-binding periplasmic protein,Induced myeloid leukemia cell differentiation protein Mcl-1'
2 branched alpha-D-glucopyranose-(1-4)-alpha-D-glucopyranose
3 non-polymer '2-[(6-ethyl-5-phenyl-thieno[2,3-d]pyrimidin-4-yl)amino]-3-oxidanyl-propanoic acid'
4 non-polymer 'SODIUM ION'
5 water water
#
_entity_poly.entity_id   1
_entity_poly.type   'polypeptide(L)'
_entity_poly.pdbx_seq_one_letter_code
;MKIEEGKLVIWINGDKGYNGLAEVGKKFEKDTGIKVTVEHPDKLEEKFPQVAATGDGPDIIFWAHDRFGGYAQSGLLAEI
TPDKAFQDKLYPFTWDAVRYNGKLIAYPIAVEALSLIYNKDLLPNPPKTWEEIPALDKELKAKGKSALMFNLQEPYFTWP
LIAADGGYAFKYAAGKYDIKDVGVDNAGAKAGLTFLVDLIKNKHMNADTDYSIAEAAFNKGETAMTINGPWAWSNIDTSA
VNYGVTVLPTFKGQPSKPFVGVLSAGINAASPNKELAKEFLENYLLTDEGLEAVNKDKPLGAVALKSYEEELAKDPRIAA
TMENAQKGEIMPNIPQMSAFWYAVRTAVINAASGRQTVDEALKDAQTGSELYRQSLEIISRYLREQATGAADTAPMGASG
ATSRKALETLRRVGDGVQRNHETAFQGMLRKLDIKNEDDVKSLSRVMIHVFSDGVTNWGRIVTLISFGAFVAKHLKTINQ
ESCIEPLAESITDVLVRTKRDWLVKQRGWDGFVEFFHV
;
_entity_poly.pdbx_strand_id   A
#
# COMPACT_ATOMS: atom_id res chain seq x y z
N MET A 1 -12.24 -9.19 -25.57
CA MET A 1 -11.55 -8.97 -24.28
C MET A 1 -10.69 -10.17 -23.90
N LYS A 2 -9.57 -9.91 -23.24
CA LYS A 2 -8.69 -10.98 -22.94
C LYS A 2 -9.35 -12.01 -22.00
N ILE A 3 -10.23 -11.67 -21.07
CA ILE A 3 -10.68 -12.66 -20.08
C ILE A 3 -11.77 -13.61 -20.60
N GLU A 4 -11.60 -14.91 -20.37
CA GLU A 4 -12.52 -15.95 -20.90
C GLU A 4 -13.81 -16.08 -20.09
N GLU A 5 -14.92 -16.24 -20.78
CA GLU A 5 -16.24 -16.32 -20.16
C GLU A 5 -16.57 -17.75 -19.72
N GLY A 6 -17.38 -17.89 -18.70
CA GLY A 6 -17.90 -19.18 -18.30
C GLY A 6 -16.99 -19.97 -17.38
N LYS A 7 -16.01 -19.33 -16.73
CA LYS A 7 -15.10 -19.96 -15.78
C LYS A 7 -14.57 -18.85 -14.81
N LEU A 8 -13.89 -19.26 -13.74
CA LEU A 8 -13.28 -18.26 -12.79
C LEU A 8 -11.82 -18.50 -12.61
N VAL A 9 -11.00 -17.47 -12.78
CA VAL A 9 -9.58 -17.49 -12.48
C VAL A 9 -9.40 -16.59 -11.24
N ILE A 10 -8.79 -17.15 -10.19
CA ILE A 10 -8.58 -16.43 -8.92
C ILE A 10 -7.07 -16.29 -8.68
N TRP A 11 -6.64 -15.11 -8.24
CA TRP A 11 -5.27 -14.90 -7.78
C TRP A 11 -5.25 -14.63 -6.28
N ILE A 12 -4.34 -15.31 -5.58
CA ILE A 12 -4.17 -15.15 -4.11
C ILE A 12 -2.68 -15.34 -3.76
N ASN A 13 -2.23 -14.71 -2.68
CA ASN A 13 -0.80 -14.71 -2.33
C ASN A 13 -0.38 -16.12 -1.89
N GLY A 14 0.87 -16.41 -2.19
CA GLY A 14 1.40 -17.74 -1.86
C GLY A 14 1.57 -18.12 -0.42
N ASP A 15 1.44 -17.15 0.50
CA ASP A 15 1.44 -17.49 1.96
C ASP A 15 0.07 -17.87 2.49
N LYS A 16 -0.97 -17.86 1.65
CA LYS A 16 -2.36 -18.11 2.12
C LYS A 16 -2.80 -19.48 1.74
N GLY A 17 -4.00 -19.89 2.19
CA GLY A 17 -4.48 -21.21 2.02
C GLY A 17 -4.99 -21.56 0.62
N TYR A 18 -4.15 -21.45 -0.39
CA TYR A 18 -4.63 -21.64 -1.77
C TYR A 18 -5.10 -23.06 -2.09
N ASN A 19 -4.61 -24.10 -1.40
CA ASN A 19 -5.10 -25.44 -1.64
C ASN A 19 -6.49 -25.58 -1.08
N GLY A 20 -6.75 -25.01 0.09
CA GLY A 20 -8.09 -24.99 0.65
C GLY A 20 -9.09 -24.18 -0.19
N LEU A 21 -8.62 -23.03 -0.66
CA LEU A 21 -9.44 -22.24 -1.59
C LEU A 21 -9.83 -23.08 -2.83
N ALA A 22 -8.86 -23.78 -3.42
CA ALA A 22 -9.15 -24.70 -4.54
C ALA A 22 -10.20 -25.76 -4.24
N GLU A 23 -10.23 -26.26 -3.03
CA GLU A 23 -11.30 -27.16 -2.53
C GLU A 23 -12.66 -26.56 -2.58
N VAL A 24 -12.75 -25.30 -2.13
CA VAL A 24 -13.98 -24.53 -2.27
C VAL A 24 -14.35 -24.45 -3.79
N GLY A 25 -13.36 -24.19 -4.63
CA GLY A 25 -13.56 -24.11 -6.06
C GLY A 25 -14.10 -25.43 -6.67
N LYS A 26 -13.64 -26.57 -6.17
CA LYS A 26 -14.17 -27.88 -6.60
C LYS A 26 -15.63 -28.08 -6.23
N LYS A 27 -16.02 -27.59 -5.06
CA LYS A 27 -17.37 -27.67 -4.62
C LYS A 27 -18.23 -26.80 -5.55
N PHE A 28 -17.68 -25.66 -5.93
CA PHE A 28 -18.41 -24.73 -6.78
C PHE A 28 -18.68 -25.41 -8.15
N GLU A 29 -17.62 -26.01 -8.70
CA GLU A 29 -17.68 -26.73 -9.97
C GLU A 29 -18.65 -27.95 -9.89
N LYS A 30 -18.63 -28.75 -8.84
CA LYS A 30 -19.60 -29.84 -8.64
C LYS A 30 -21.05 -29.32 -8.73
N ASP A 31 -21.36 -28.19 -8.09
CA ASP A 31 -22.74 -27.67 -8.02
C ASP A 31 -23.18 -26.95 -9.29
N THR A 32 -22.26 -26.28 -9.96
CA THR A 32 -22.62 -25.40 -11.04
C THR A 32 -22.09 -25.78 -12.40
N GLY A 33 -21.10 -26.69 -12.48
CA GLY A 33 -20.48 -27.02 -13.75
C GLY A 33 -19.45 -26.04 -14.24
N ILE A 34 -19.10 -25.01 -13.44
CA ILE A 34 -18.15 -23.99 -13.83
C ILE A 34 -16.79 -24.23 -13.20
N LYS A 35 -15.70 -24.20 -13.98
CA LYS A 35 -14.41 -24.56 -13.50
C LYS A 35 -13.74 -23.39 -12.85
N VAL A 36 -13.14 -23.62 -11.67
CA VAL A 36 -12.44 -22.55 -10.91
C VAL A 36 -10.96 -22.85 -10.84
N THR A 37 -10.14 -21.94 -11.32
CA THR A 37 -8.68 -22.08 -11.30
C THR A 37 -8.06 -21.08 -10.27
N VAL A 38 -7.35 -21.60 -9.26
CA VAL A 38 -6.60 -20.73 -8.28
C VAL A 38 -5.17 -20.68 -8.60
N GLU A 39 -4.61 -19.49 -8.76
CA GLU A 39 -3.18 -19.29 -8.95
C GLU A 39 -2.62 -18.42 -7.88
N HIS A 40 -1.33 -18.57 -7.65
CA HIS A 40 -0.64 -17.71 -6.69
C HIS A 40 0.62 -17.07 -7.29
N PRO A 41 0.46 -16.09 -8.20
CA PRO A 41 1.64 -15.59 -8.87
C PRO A 41 2.54 -14.74 -7.96
N ASP A 42 3.82 -14.67 -8.30
CA ASP A 42 4.75 -13.82 -7.56
C ASP A 42 4.36 -12.37 -7.84
N LYS A 43 4.51 -11.51 -6.86
CA LYS A 43 4.26 -10.05 -7.01
C LYS A 43 2.91 -9.74 -7.61
N LEU A 44 1.87 -10.45 -7.18
CA LEU A 44 0.60 -10.35 -7.81
C LEU A 44 0.01 -8.95 -7.59
N GLU A 45 0.33 -8.37 -6.47
CA GLU A 45 -0.12 -7.01 -6.14
C GLU A 45 0.46 -5.93 -7.03
N GLU A 46 1.61 -6.17 -7.63
CA GLU A 46 2.16 -5.31 -8.70
C GLU A 46 1.63 -5.72 -10.06
N LYS A 47 1.46 -7.03 -10.29
CA LYS A 47 1.01 -7.54 -11.58
C LYS A 47 -0.45 -7.19 -11.91
N PHE A 48 -1.31 -7.27 -10.92
CA PHE A 48 -2.70 -7.07 -11.13
C PHE A 48 -2.98 -5.69 -11.85
N PRO A 49 -2.44 -4.58 -11.38
CA PRO A 49 -2.78 -3.28 -12.02
C PRO A 49 -2.25 -3.16 -13.44
N GLN A 50 -1.11 -3.79 -13.74
CA GLN A 50 -0.54 -3.77 -15.08
C GLN A 50 -1.41 -4.54 -16.05
N VAL A 51 -1.84 -5.75 -15.68
CA VAL A 51 -2.63 -6.55 -16.63
C VAL A 51 -4.09 -6.13 -16.62
N ALA A 52 -4.64 -5.78 -15.47
CA ALA A 52 -6.05 -5.39 -15.43
C ALA A 52 -6.30 -4.08 -16.27
N ALA A 53 -5.35 -3.19 -16.33
CA ALA A 53 -5.50 -1.92 -17.07
C ALA A 53 -5.71 -2.17 -18.58
N THR A 54 -5.25 -3.32 -19.08
CA THR A 54 -5.45 -3.74 -20.45
C THR A 54 -6.69 -4.66 -20.57
N GLY A 55 -7.56 -4.76 -19.55
CA GLY A 55 -8.69 -5.69 -19.64
C GLY A 55 -8.34 -7.18 -19.51
N ASP A 56 -7.19 -7.45 -18.93
CA ASP A 56 -6.79 -8.84 -18.71
C ASP A 56 -6.78 -9.08 -17.18
N GLY A 57 -6.41 -10.31 -16.83
CA GLY A 57 -6.07 -10.70 -15.50
C GLY A 57 -7.05 -11.69 -14.97
N PRO A 58 -7.06 -11.84 -13.64
CA PRO A 58 -8.00 -12.80 -13.04
C PRO A 58 -9.37 -12.23 -12.92
N ASP A 59 -10.37 -13.08 -12.74
CA ASP A 59 -11.68 -12.61 -12.41
C ASP A 59 -11.75 -12.06 -10.99
N ILE A 60 -11.06 -12.72 -10.03
CA ILE A 60 -11.09 -12.39 -8.59
C ILE A 60 -9.58 -12.19 -8.15
N ILE A 61 -9.30 -11.13 -7.42
CA ILE A 61 -7.95 -10.88 -6.81
C ILE A 61 -8.14 -10.81 -5.31
N PHE A 62 -7.33 -11.61 -4.57
CA PHE A 62 -7.26 -11.56 -3.12
C PHE A 62 -6.00 -10.77 -2.73
N TRP A 63 -6.17 -9.78 -1.83
CA TRP A 63 -5.05 -9.14 -1.18
C TRP A 63 -5.63 -8.40 0.01
N ALA A 64 -4.79 -7.96 0.94
CA ALA A 64 -5.20 -6.98 1.94
C ALA A 64 -5.80 -5.75 1.24
N HIS A 65 -6.73 -5.15 1.98
CA HIS A 65 -7.54 -4.00 1.52
C HIS A 65 -6.83 -2.73 1.15
N ASP A 66 -5.59 -2.56 1.65
CA ASP A 66 -4.80 -1.40 1.38
C ASP A 66 -4.51 -1.08 -0.05
N ARG A 67 -4.36 -2.08 -0.91
CA ARG A 67 -4.02 -1.83 -2.31
C ARG A 67 -5.28 -1.52 -3.14
N PHE A 68 -6.45 -1.78 -2.58
CA PHE A 68 -7.67 -1.81 -3.43
C PHE A 68 -8.25 -0.39 -3.75
N GLY A 69 -8.03 0.64 -2.92
CA GLY A 69 -8.37 2.04 -3.37
C GLY A 69 -7.68 2.48 -4.63
N GLY A 70 -6.41 2.10 -4.72
CA GLY A 70 -5.64 2.35 -5.83
C GLY A 70 -6.27 1.69 -7.06
N TYR A 71 -6.57 0.38 -6.90
CA TYR A 71 -7.14 -0.37 -8.02
C TYR A 71 -8.47 0.28 -8.47
N ALA A 72 -9.30 0.59 -7.50
CA ALA A 72 -10.61 1.20 -7.73
C ALA A 72 -10.53 2.56 -8.44
N GLN A 73 -9.53 3.38 -8.08
CA GLN A 73 -9.34 4.71 -8.67
C GLN A 73 -8.94 4.59 -10.09
N SER A 74 -8.20 3.52 -10.40
CA SER A 74 -7.74 3.25 -11.73
C SER A 74 -8.81 2.60 -12.62
N GLY A 75 -10.01 2.37 -12.11
CA GLY A 75 -11.05 1.69 -12.90
C GLY A 75 -10.99 0.15 -12.94
N LEU A 76 -10.27 -0.50 -12.02
CA LEU A 76 -9.93 -1.95 -12.19
C LEU A 76 -10.80 -2.87 -11.46
N LEU A 77 -11.66 -2.35 -10.59
CA LEU A 77 -12.57 -3.15 -9.79
C LEU A 77 -14.03 -2.81 -10.05
N ALA A 78 -14.82 -3.86 -10.09
CA ALA A 78 -16.28 -3.75 -10.19
C ALA A 78 -16.79 -3.34 -8.81
N GLU A 79 -17.84 -2.53 -8.77
CA GLU A 79 -18.50 -2.28 -7.54
C GLU A 79 -19.31 -3.51 -7.20
N ILE A 80 -19.35 -3.91 -5.96
CA ILE A 80 -20.11 -5.04 -5.60
C ILE A 80 -21.47 -4.65 -4.98
N THR A 81 -22.37 -5.63 -5.03
CA THR A 81 -23.82 -5.44 -4.86
C THR A 81 -24.36 -6.50 -3.91
N PRO A 82 -23.74 -6.66 -2.71
CA PRO A 82 -24.30 -7.55 -1.74
C PRO A 82 -25.58 -6.92 -1.24
N ASP A 83 -26.59 -7.70 -0.93
CA ASP A 83 -27.82 -7.06 -0.51
C ASP A 83 -27.72 -7.00 0.99
N LYS A 84 -28.67 -6.30 1.61
CA LYS A 84 -28.78 -6.20 3.07
C LYS A 84 -28.54 -7.44 3.86
N ALA A 85 -29.22 -8.49 3.50
CA ALA A 85 -29.12 -9.73 4.26
C ALA A 85 -27.71 -10.34 4.22
N PHE A 86 -27.01 -10.10 3.12
CA PHE A 86 -25.63 -10.58 3.01
C PHE A 86 -24.69 -9.65 3.83
N GLN A 87 -24.79 -8.35 3.58
CA GLN A 87 -24.04 -7.35 4.35
C GLN A 87 -24.08 -7.60 5.85
N ASP A 88 -25.25 -8.01 6.37
CA ASP A 88 -25.40 -8.19 7.81
C ASP A 88 -24.68 -9.42 8.31
N LYS A 89 -24.22 -10.31 7.44
CA LYS A 89 -23.48 -11.50 7.91
C LYS A 89 -22.01 -11.14 8.24
N LEU A 90 -21.50 -10.02 7.78
CA LEU A 90 -20.09 -9.62 8.09
C LEU A 90 -20.01 -8.37 9.02
N TYR A 91 -18.91 -8.26 9.76
CA TYR A 91 -18.67 -7.05 10.60
C TYR A 91 -18.63 -5.77 9.87
N PRO A 92 -19.35 -4.74 10.42
CA PRO A 92 -19.38 -3.50 9.68
C PRO A 92 -18.00 -2.91 9.48
N PHE A 93 -17.13 -3.12 10.44
CA PHE A 93 -15.78 -2.47 10.26
C PHE A 93 -14.98 -3.19 9.14
N THR A 94 -15.33 -4.45 8.85
CA THR A 94 -14.73 -5.10 7.59
C THR A 94 -15.22 -4.48 6.32
N TRP A 95 -16.53 -4.15 6.22
CA TRP A 95 -16.99 -3.41 5.08
C TRP A 95 -16.40 -2.04 4.94
N ASP A 96 -16.23 -1.35 6.06
CA ASP A 96 -15.54 -0.02 6.03
C ASP A 96 -14.17 -0.06 5.41
N ALA A 97 -13.44 -1.15 5.65
CA ALA A 97 -12.10 -1.36 4.98
C ALA A 97 -12.09 -1.44 3.50
N VAL A 98 -13.21 -1.90 2.92
CA VAL A 98 -13.31 -2.05 1.46
C VAL A 98 -14.31 -1.06 0.80
N ARG A 99 -14.47 0.10 1.46
CA ARG A 99 -15.25 1.23 0.95
C ARG A 99 -14.29 2.28 0.38
N TYR A 100 -14.48 2.67 -0.84
CA TYR A 100 -13.70 3.70 -1.46
C TYR A 100 -14.71 4.62 -2.19
N ASN A 101 -14.67 5.92 -1.88
CA ASN A 101 -15.49 6.94 -2.58
C ASN A 101 -16.95 6.58 -2.45
N GLY A 102 -17.32 6.11 -1.26
CA GLY A 102 -18.68 5.65 -0.96
C GLY A 102 -19.12 4.28 -1.44
N LYS A 103 -18.38 3.66 -2.38
CA LYS A 103 -18.80 2.33 -2.96
C LYS A 103 -18.01 1.11 -2.39
N LEU A 104 -18.65 -0.05 -2.21
CA LEU A 104 -17.97 -1.30 -1.80
C LEU A 104 -17.23 -1.77 -3.00
N ILE A 105 -15.95 -2.07 -2.81
CA ILE A 105 -15.12 -2.41 -3.97
C ILE A 105 -14.48 -3.82 -3.81
N ALA A 106 -14.86 -4.53 -2.77
CA ALA A 106 -14.38 -5.89 -2.46
C ALA A 106 -15.18 -6.54 -1.38
N TYR A 107 -15.09 -7.85 -1.28
CA TYR A 107 -15.63 -8.61 -0.20
C TYR A 107 -14.53 -8.80 0.86
N PRO A 108 -14.78 -8.45 2.11
CA PRO A 108 -13.86 -8.78 3.17
C PRO A 108 -13.91 -10.22 3.60
N ILE A 109 -12.71 -10.78 3.79
CA ILE A 109 -12.57 -12.16 4.25
C ILE A 109 -12.12 -12.28 5.67
N ALA A 110 -10.97 -11.70 6.01
CA ALA A 110 -10.43 -11.90 7.31
C ALA A 110 -9.53 -10.71 7.74
N VAL A 111 -9.46 -10.54 9.05
CA VAL A 111 -8.61 -9.53 9.72
C VAL A 111 -7.31 -10.18 10.16
N GLU A 112 -6.22 -9.58 9.67
CA GLU A 112 -4.86 -10.02 9.93
C GLU A 112 -4.11 -8.95 10.75
N ALA A 113 -3.48 -9.39 11.81
CA ALA A 113 -2.48 -8.56 12.47
C ALA A 113 -1.27 -9.45 12.86
N LEU A 114 -0.13 -8.82 12.82
CA LEU A 114 1.13 -9.44 13.30
C LEU A 114 1.08 -9.62 14.83
N SER A 115 1.62 -10.74 15.31
CA SER A 115 1.87 -10.96 16.71
C SER A 115 3.31 -11.41 16.97
N LEU A 116 3.70 -11.39 18.23
CA LEU A 116 4.93 -12.00 18.62
C LEU A 116 4.68 -13.51 18.81
N ILE A 117 5.47 -14.33 18.12
CA ILE A 117 5.43 -15.75 18.21
C ILE A 117 6.72 -16.22 18.87
N TYR A 118 6.62 -17.04 19.92
CA TYR A 118 7.78 -17.39 20.70
C TYR A 118 7.79 -18.86 21.04
N ASN A 119 8.98 -19.37 21.16
CA ASN A 119 9.29 -20.80 21.41
C ASN A 119 9.30 -20.92 22.98
N LYS A 120 8.26 -21.56 23.49
CA LYS A 120 8.05 -21.77 24.93
C LYS A 120 9.12 -22.60 25.59
N ASP A 121 9.86 -23.41 24.84
CA ASP A 121 10.90 -24.23 25.43
C ASP A 121 12.19 -23.49 25.51
N LEU A 122 12.40 -22.39 24.76
CA LEU A 122 13.60 -21.58 24.88
C LEU A 122 13.38 -20.40 25.73
N LEU A 123 12.15 -19.86 25.69
CA LEU A 123 11.76 -18.62 26.27
C LEU A 123 10.39 -18.70 26.91
N PRO A 124 10.32 -19.26 28.10
CA PRO A 124 8.97 -19.43 28.69
C PRO A 124 8.24 -18.20 29.03
N ASN A 125 8.98 -17.15 29.26
CA ASN A 125 8.50 -15.81 29.56
C ASN A 125 8.97 -14.80 28.53
N PRO A 126 8.22 -14.58 27.47
CA PRO A 126 8.76 -13.66 26.45
C PRO A 126 8.86 -12.20 26.89
N PRO A 127 9.73 -11.41 26.25
CA PRO A 127 9.93 -10.04 26.72
C PRO A 127 8.77 -9.14 26.44
N LYS A 128 8.48 -8.31 27.42
CA LYS A 128 7.50 -7.25 27.27
C LYS A 128 7.99 -6.03 26.54
N THR A 129 9.31 -5.81 26.45
CA THR A 129 9.88 -4.59 25.84
C THR A 129 10.88 -4.97 24.80
N TRP A 130 10.99 -4.12 23.79
CA TRP A 130 12.03 -4.20 22.82
C TRP A 130 13.41 -4.05 23.48
N GLU A 131 13.49 -3.13 24.47
CA GLU A 131 14.71 -2.69 25.04
C GLU A 131 15.44 -3.89 25.72
N GLU A 132 14.71 -4.92 26.15
CA GLU A 132 15.33 -6.05 26.82
C GLU A 132 15.82 -7.12 25.89
N ILE A 133 15.52 -6.96 24.61
CA ILE A 133 15.98 -7.92 23.60
C ILE A 133 17.52 -8.10 23.40
N PRO A 134 18.28 -7.03 23.39
CA PRO A 134 19.71 -7.16 23.26
C PRO A 134 20.29 -8.08 24.36
N ALA A 135 19.89 -7.85 25.61
CA ALA A 135 20.41 -8.70 26.73
C ALA A 135 19.98 -10.13 26.61
N LEU A 136 18.72 -10.36 26.26
CA LEU A 136 18.20 -11.66 26.03
C LEU A 136 18.96 -12.37 24.90
N ASP A 137 19.30 -11.60 23.83
CA ASP A 137 20.07 -12.22 22.78
C ASP A 137 21.42 -12.63 23.26
N LYS A 138 22.03 -11.82 24.12
CA LYS A 138 23.33 -12.16 24.64
C LYS A 138 23.31 -13.48 25.44
N GLU A 139 22.25 -13.61 26.24
CA GLU A 139 22.02 -14.84 27.02
C GLU A 139 21.78 -16.11 26.10
N LEU A 140 20.95 -15.96 25.06
CA LEU A 140 20.60 -17.03 24.12
C LEU A 140 21.85 -17.42 23.26
N LYS A 141 22.64 -16.44 22.91
CA LYS A 141 23.84 -16.70 22.07
C LYS A 141 24.86 -17.61 22.77
N ALA A 142 24.95 -17.53 24.07
CA ALA A 142 25.74 -18.46 24.89
C ALA A 142 25.36 -19.94 24.73
N LYS A 143 24.13 -20.21 24.36
CA LYS A 143 23.60 -21.53 24.16
C LYS A 143 23.46 -21.83 22.73
N GLY A 144 23.99 -20.98 21.83
CA GLY A 144 23.88 -21.24 20.39
C GLY A 144 22.53 -20.94 19.78
N LYS A 145 21.77 -19.98 20.37
CA LYS A 145 20.46 -19.60 19.88
C LYS A 145 20.45 -18.11 19.69
N SER A 146 19.42 -17.59 19.01
CA SER A 146 19.22 -16.12 18.96
C SER A 146 17.86 -15.75 19.53
N ALA A 147 17.74 -14.48 19.88
CA ALA A 147 16.48 -13.99 20.42
C ALA A 147 15.37 -13.90 19.36
N LEU A 148 15.65 -13.25 18.21
CA LEU A 148 14.62 -12.74 17.34
C LEU A 148 15.05 -12.71 15.91
N MET A 149 14.23 -13.34 15.07
CA MET A 149 14.36 -13.20 13.58
C MET A 149 13.03 -13.00 12.94
N PHE A 150 12.98 -11.96 12.08
CA PHE A 150 11.87 -11.67 11.29
C PHE A 150 12.26 -11.00 9.94
N ASN A 151 11.30 -10.99 9.06
CA ASN A 151 11.52 -10.58 7.66
C ASN A 151 11.86 -9.12 7.69
N LEU A 152 13.08 -8.76 7.34
CA LEU A 152 13.44 -7.35 7.25
C LEU A 152 13.33 -6.75 5.87
N GLN A 153 12.87 -7.53 4.93
CA GLN A 153 12.77 -7.05 3.51
C GLN A 153 11.41 -6.49 3.12
N GLU A 154 10.43 -6.63 4.03
CA GLU A 154 9.10 -6.09 3.82
C GLU A 154 8.79 -5.24 4.99
N PRO A 155 8.49 -3.94 4.75
CA PRO A 155 8.18 -2.96 5.82
C PRO A 155 7.00 -3.25 6.71
N TYR A 156 6.11 -4.08 6.24
CA TYR A 156 5.02 -4.52 7.06
C TYR A 156 5.47 -5.02 8.42
N PHE A 157 6.57 -5.78 8.42
CA PHE A 157 7.02 -6.41 9.63
C PHE A 157 7.77 -5.48 10.61
N THR A 158 8.41 -4.43 10.07
CA THR A 158 9.13 -3.45 10.91
CA THR A 158 9.13 -3.44 10.93
C THR A 158 8.25 -2.28 11.39
N TRP A 159 7.15 -2.09 10.66
CA TRP A 159 6.29 -0.97 10.90
C TRP A 159 5.80 -0.90 12.32
N PRO A 160 5.49 -2.05 12.97
CA PRO A 160 4.96 -1.91 14.35
C PRO A 160 5.93 -1.20 15.29
N LEU A 161 7.22 -1.41 15.10
CA LEU A 161 8.23 -0.79 15.89
C LEU A 161 8.38 0.71 15.52
N ILE A 162 8.48 0.98 14.23
CA ILE A 162 8.55 2.36 13.72
C ILE A 162 7.41 3.18 14.23
N ALA A 163 6.24 2.61 14.28
CA ALA A 163 5.04 3.34 14.69
C ALA A 163 4.86 3.48 16.21
N ALA A 164 5.57 2.68 16.98
CA ALA A 164 5.31 2.59 18.38
C ALA A 164 5.47 3.97 19.11
N ASP A 165 6.56 4.68 18.85
CA ASP A 165 6.84 5.93 19.60
C ASP A 165 6.39 7.16 18.77
N GLY A 166 5.46 6.96 17.85
CA GLY A 166 4.72 8.06 17.19
C GLY A 166 4.85 8.15 15.68
N GLY A 167 5.58 7.21 15.04
CA GLY A 167 5.56 7.15 13.57
C GLY A 167 4.13 6.86 13.13
N TYR A 168 3.79 7.36 11.95
CA TYR A 168 2.46 7.10 11.36
C TYR A 168 2.54 7.33 9.88
N ALA A 169 1.55 6.81 9.18
CA ALA A 169 1.56 6.89 7.73
C ALA A 169 0.83 8.19 7.35
N PHE A 170 -0.49 8.22 7.53
CA PHE A 170 -1.38 9.35 7.22
C PHE A 170 -2.22 9.66 8.44
N LYS A 171 -2.31 10.93 8.82
CA LYS A 171 -3.01 11.32 10.05
C LYS A 171 -4.52 11.04 10.05
N TYR A 172 -5.02 10.28 11.06
CA TYR A 172 -6.48 10.07 11.28
C TYR A 172 -7.00 10.97 12.40
N TYR A 177 -8.93 10.78 6.91
CA TYR A 177 -7.50 10.75 6.60
C TYR A 177 -7.00 12.04 5.96
N ASP A 178 -6.14 12.76 6.69
CA ASP A 178 -5.43 13.94 6.19
C ASP A 178 -4.18 13.49 5.39
N ILE A 179 -4.26 13.56 4.06
CA ILE A 179 -3.14 13.13 3.18
C ILE A 179 -1.94 14.07 3.17
N LYS A 180 -2.12 15.30 3.68
CA LYS A 180 -1.01 16.26 3.75
C LYS A 180 0.02 15.82 4.79
N ASP A 181 -0.45 15.16 5.85
CA ASP A 181 0.37 14.87 6.98
C ASP A 181 0.91 13.43 6.99
N VAL A 182 2.17 13.27 6.60
CA VAL A 182 2.89 11.98 6.68
C VAL A 182 3.87 12.00 7.86
N GLY A 183 3.90 10.91 8.63
CA GLY A 183 4.76 10.92 9.83
C GLY A 183 5.81 9.85 9.72
N VAL A 184 6.49 9.81 8.60
CA VAL A 184 7.49 8.81 8.33
C VAL A 184 8.87 9.26 8.83
N ASP A 185 9.11 10.56 8.97
CA ASP A 185 10.45 10.98 9.43
C ASP A 185 10.45 11.94 10.62
N ASN A 186 9.47 11.74 11.45
CA ASN A 186 9.38 12.37 12.71
C ASN A 186 10.26 11.65 13.73
N ALA A 187 10.32 12.21 14.93
CA ALA A 187 11.30 11.74 15.91
C ALA A 187 10.95 10.32 16.40
N GLY A 188 9.67 10.00 16.54
CA GLY A 188 9.24 8.63 16.86
C GLY A 188 9.67 7.59 15.84
N ALA A 189 9.43 7.84 14.55
CA ALA A 189 9.85 6.93 13.51
C ALA A 189 11.34 6.74 13.54
N LYS A 190 12.07 7.85 13.68
CA LYS A 190 13.50 7.83 13.74
C LYS A 190 14.04 6.94 14.89
N ALA A 191 13.44 7.08 16.05
CA ALA A 191 13.76 6.31 17.24
C ALA A 191 13.56 4.81 17.00
N GLY A 192 12.41 4.46 16.42
CA GLY A 192 12.16 3.03 16.17
C GLY A 192 13.16 2.42 15.22
N LEU A 193 13.41 3.11 14.11
CA LEU A 193 14.28 2.55 13.11
C LEU A 193 15.72 2.52 13.59
N THR A 194 16.09 3.52 14.39
CA THR A 194 17.47 3.54 15.00
C THR A 194 17.66 2.29 15.92
N PHE A 195 16.63 1.98 16.69
CA PHE A 195 16.65 0.78 17.55
C PHE A 195 16.84 -0.49 16.71
N LEU A 196 16.10 -0.59 15.59
CA LEU A 196 16.29 -1.70 14.67
C LEU A 196 17.71 -1.75 14.12
N VAL A 197 18.18 -0.64 13.60
CA VAL A 197 19.57 -0.61 13.08
C VAL A 197 20.65 -0.87 14.19
N ASP A 198 20.42 -0.44 15.41
CA ASP A 198 21.32 -0.80 16.49
C ASP A 198 21.35 -2.32 16.75
N LEU A 199 20.20 -2.99 16.66
CA LEU A 199 20.16 -4.47 16.82
C LEU A 199 21.04 -5.13 15.82
N ILE A 200 21.02 -4.59 14.61
CA ILE A 200 21.80 -5.13 13.54
C ILE A 200 23.26 -4.81 13.75
N LYS A 201 23.54 -3.58 14.13
CA LYS A 201 25.00 -3.16 14.32
C LYS A 201 25.67 -4.00 15.44
N ASN A 202 24.91 -4.25 16.52
CA ASN A 202 25.32 -5.10 17.65
C ASN A 202 25.20 -6.63 17.45
N LYS A 203 24.94 -7.11 16.21
CA LYS A 203 24.86 -8.51 15.80
C LYS A 203 23.74 -9.31 16.48
N HIS A 204 22.68 -8.64 16.84
CA HIS A 204 21.48 -9.30 17.35
C HIS A 204 20.51 -9.67 16.20
N MET A 205 20.62 -9.01 15.02
CA MET A 205 19.92 -9.46 13.82
C MET A 205 20.81 -9.21 12.59
N ASN A 206 20.43 -9.74 11.49
CA ASN A 206 21.23 -9.72 10.25
C ASN A 206 20.35 -9.01 9.22
N ALA A 207 20.90 -8.00 8.53
CA ALA A 207 20.16 -7.23 7.50
C ALA A 207 19.55 -8.00 6.38
N ASP A 208 20.16 -9.14 6.01
CA ASP A 208 19.71 -9.98 4.94
C ASP A 208 18.55 -10.93 5.28
N THR A 209 18.13 -11.01 6.55
CA THR A 209 17.04 -11.94 6.88
C THR A 209 15.73 -11.62 6.14
N ASP A 210 15.14 -12.60 5.57
CA ASP A 210 13.91 -12.52 4.84
C ASP A 210 12.86 -13.43 5.38
N TYR A 211 11.70 -13.50 4.73
CA TYR A 211 10.61 -14.33 5.20
C TYR A 211 11.03 -15.79 5.39
N SER A 212 11.60 -16.36 4.33
CA SER A 212 12.02 -17.76 4.35
C SER A 212 13.07 -18.07 5.41
N ILE A 213 14.09 -17.24 5.53
CA ILE A 213 15.15 -17.43 6.50
C ILE A 213 14.61 -17.38 7.94
N ALA A 214 13.82 -16.35 8.25
CA ALA A 214 13.21 -16.28 9.58
C ALA A 214 12.30 -17.46 9.88
N GLU A 215 11.47 -17.91 8.93
CA GLU A 215 10.54 -18.98 9.17
C GLU A 215 11.31 -20.26 9.43
N ALA A 216 12.35 -20.52 8.62
CA ALA A 216 13.16 -21.75 8.85
C ALA A 216 13.87 -21.77 10.20
N ALA A 217 14.47 -20.65 10.59
CA ALA A 217 15.13 -20.52 11.84
C ALA A 217 14.19 -20.79 13.05
N PHE A 218 13.00 -20.17 13.03
CA PHE A 218 12.04 -20.40 14.09
C PHE A 218 11.57 -21.82 14.10
N ASN A 219 11.28 -22.39 12.93
CA ASN A 219 10.68 -23.68 12.83
C ASN A 219 11.70 -24.78 13.06
N LYS A 220 13.00 -24.47 12.94
CA LYS A 220 14.03 -25.47 13.39
C LYS A 220 14.46 -25.30 14.84
N GLY A 221 13.82 -24.39 15.58
CA GLY A 221 14.32 -24.07 16.92
C GLY A 221 15.62 -23.34 17.18
N GLU A 222 16.08 -22.52 16.23
CA GLU A 222 17.29 -21.81 16.28
C GLU A 222 17.13 -20.42 16.91
N THR A 223 15.94 -19.86 16.81
CA THR A 223 15.72 -18.52 17.31
C THR A 223 14.47 -18.62 18.18
N ALA A 224 14.45 -17.85 19.25
CA ALA A 224 13.39 -17.94 20.25
C ALA A 224 12.11 -17.19 19.89
N MET A 225 12.17 -16.22 18.96
CA MET A 225 10.99 -15.44 18.63
C MET A 225 10.99 -15.07 17.14
N THR A 226 9.79 -14.90 16.60
CA THR A 226 9.59 -14.29 15.28
C THR A 226 8.39 -13.39 15.36
N ILE A 227 8.26 -12.61 14.34
CA ILE A 227 7.07 -11.72 14.15
C ILE A 227 6.38 -12.14 12.91
N ASN A 228 5.11 -12.56 13.01
CA ASN A 228 4.43 -13.06 11.83
C ASN A 228 2.93 -13.08 12.05
N GLY A 229 2.26 -13.33 10.98
CA GLY A 229 0.80 -13.44 11.01
C GLY A 229 0.22 -14.83 11.09
N PRO A 230 -1.14 -14.90 11.15
CA PRO A 230 -1.80 -16.17 11.43
C PRO A 230 -1.55 -17.23 10.35
N TRP A 231 -1.27 -16.77 9.13
CA TRP A 231 -0.94 -17.71 8.05
C TRP A 231 0.28 -18.60 8.34
N ALA A 232 1.19 -18.14 9.21
CA ALA A 232 2.39 -18.88 9.56
C ALA A 232 2.16 -20.03 10.50
N TRP A 233 1.02 -20.04 11.22
CA TRP A 233 0.87 -20.98 12.29
C TRP A 233 0.90 -22.43 11.81
N SER A 234 0.40 -22.72 10.62
CA SER A 234 0.36 -24.15 10.17
C SER A 234 1.69 -24.83 10.08
N ASN A 235 2.61 -24.14 9.45
CA ASN A 235 3.96 -24.62 9.30
C ASN A 235 4.68 -24.83 10.67
N ILE A 236 4.34 -24.03 11.69
CA ILE A 236 4.92 -24.22 13.00
C ILE A 236 4.30 -25.47 13.67
N ASP A 237 3.00 -25.64 13.55
CA ASP A 237 2.31 -26.91 14.03
C ASP A 237 3.03 -28.16 13.53
N THR A 238 3.32 -28.15 12.23
CA THR A 238 4.06 -29.24 11.59
C THR A 238 5.47 -29.47 12.08
N SER A 239 6.13 -28.40 12.49
CA SER A 239 7.50 -28.49 12.98
C SER A 239 7.65 -29.12 14.39
N ALA A 240 6.55 -29.16 15.11
CA ALA A 240 6.55 -29.63 16.51
C ALA A 240 7.31 -28.69 17.54
N VAL A 241 7.71 -27.47 17.14
CA VAL A 241 8.06 -26.42 18.07
C VAL A 241 6.81 -26.14 18.91
N ASN A 242 7.03 -26.02 20.20
CA ASN A 242 6.02 -25.61 21.16
C ASN A 242 5.98 -24.05 21.25
N TYR A 243 5.01 -23.43 20.60
CA TYR A 243 5.00 -22.01 20.44
C TYR A 243 3.81 -21.37 21.08
N GLY A 244 3.96 -20.10 21.47
CA GLY A 244 2.89 -19.23 21.83
C GLY A 244 2.79 -18.02 20.93
N VAL A 245 1.67 -17.30 21.06
CA VAL A 245 1.35 -16.16 20.25
C VAL A 245 0.95 -15.13 21.25
N THR A 246 1.62 -13.97 21.21
CA THR A 246 1.43 -12.95 22.23
C THR A 246 1.50 -11.56 21.73
N VAL A 247 1.18 -10.60 22.63
CA VAL A 247 1.28 -9.21 22.31
C VAL A 247 2.75 -8.79 21.94
N LEU A 248 2.89 -7.93 20.97
CA LEU A 248 4.18 -7.45 20.54
C LEU A 248 4.85 -6.64 21.66
N PRO A 249 6.17 -6.64 21.73
CA PRO A 249 6.83 -5.85 22.79
C PRO A 249 6.53 -4.33 22.65
N THR A 250 6.54 -3.65 23.80
CA THR A 250 6.52 -2.18 23.80
C THR A 250 7.88 -1.56 23.45
N PHE A 251 7.85 -0.32 23.01
CA PHE A 251 9.08 0.42 22.76
C PHE A 251 8.91 1.80 23.43
N LYS A 252 9.89 2.23 24.22
CA LYS A 252 9.80 3.49 25.06
C LYS A 252 8.48 3.56 25.77
N GLY A 253 8.07 2.42 26.37
CA GLY A 253 6.84 2.29 27.10
C GLY A 253 5.57 2.21 26.26
N GLN A 254 5.62 2.34 24.94
CA GLN A 254 4.38 2.45 24.14
C GLN A 254 4.19 1.13 23.30
N PRO A 255 2.95 0.70 23.09
CA PRO A 255 2.71 -0.55 22.32
C PRO A 255 3.26 -0.44 20.95
N SER A 256 3.76 -1.57 20.43
CA SER A 256 3.95 -1.71 19.02
C SER A 256 2.55 -1.63 18.33
N LYS A 257 2.51 -0.93 17.21
CA LYS A 257 1.31 -0.61 16.47
C LYS A 257 1.37 -1.25 15.08
N PRO A 258 0.93 -2.49 14.98
CA PRO A 258 0.87 -3.13 13.66
C PRO A 258 -0.13 -2.48 12.68
N PHE A 259 0.21 -2.46 11.43
CA PHE A 259 -0.76 -2.02 10.41
C PHE A 259 -1.69 -3.21 10.15
N VAL A 260 -3.00 -3.04 10.42
CA VAL A 260 -4.02 -4.15 10.33
C VAL A 260 -4.60 -4.26 8.92
N GLY A 261 -4.56 -5.47 8.37
CA GLY A 261 -4.99 -5.74 6.97
C GLY A 261 -6.28 -6.50 6.99
N VAL A 262 -7.18 -6.23 6.03
CA VAL A 262 -8.38 -7.06 5.89
C VAL A 262 -8.21 -7.78 4.56
N LEU A 263 -7.85 -9.07 4.63
CA LEU A 263 -7.75 -9.93 3.42
C LEU A 263 -9.11 -9.76 2.68
N SER A 264 -9.09 -9.36 1.43
CA SER A 264 -10.29 -9.10 0.69
C SER A 264 -10.28 -9.67 -0.69
N ALA A 265 -11.45 -9.89 -1.26
CA ALA A 265 -11.58 -10.40 -2.63
C ALA A 265 -12.28 -9.37 -3.54
N GLY A 266 -11.56 -8.84 -4.51
CA GLY A 266 -12.05 -7.96 -5.51
C GLY A 266 -12.39 -8.66 -6.82
N ILE A 267 -13.34 -8.10 -7.56
CA ILE A 267 -13.75 -8.58 -8.90
C ILE A 267 -13.21 -7.68 -9.93
N ASN A 268 -12.45 -8.25 -10.90
CA ASN A 268 -11.89 -7.47 -11.98
C ASN A 268 -13.05 -6.77 -12.75
N ALA A 269 -12.87 -5.49 -12.99
CA ALA A 269 -13.86 -4.76 -13.76
C ALA A 269 -14.00 -5.23 -15.20
N ALA A 270 -12.94 -5.80 -15.81
CA ALA A 270 -13.06 -6.39 -17.15
C ALA A 270 -13.60 -7.83 -17.22
N SER A 271 -14.03 -8.39 -16.09
CA SER A 271 -14.51 -9.76 -16.05
C SER A 271 -15.91 -9.86 -16.70
N PRO A 272 -16.08 -10.75 -17.68
CA PRO A 272 -17.46 -11.08 -18.14
C PRO A 272 -18.14 -12.05 -17.17
N ASN A 273 -17.55 -12.35 -16.01
CA ASN A 273 -18.03 -13.37 -15.08
C ASN A 273 -18.37 -12.82 -13.74
N LYS A 274 -18.85 -11.59 -13.71
CA LYS A 274 -19.07 -10.96 -12.41
C LYS A 274 -20.12 -11.65 -11.61
N GLU A 275 -21.21 -12.16 -12.23
CA GLU A 275 -22.23 -12.79 -11.44
C GLU A 275 -21.78 -14.17 -10.85
N LEU A 276 -20.97 -14.88 -11.60
CA LEU A 276 -20.39 -16.18 -11.11
C LEU A 276 -19.45 -15.90 -9.89
N ALA A 277 -18.67 -14.84 -10.04
CA ALA A 277 -17.71 -14.37 -8.97
C ALA A 277 -18.44 -14.01 -7.71
N LYS A 278 -19.55 -13.28 -7.87
CA LYS A 278 -20.40 -13.04 -6.73
C LYS A 278 -20.95 -14.26 -6.07
N GLU A 279 -21.49 -15.19 -6.88
CA GLU A 279 -22.03 -16.41 -6.36
C GLU A 279 -20.96 -17.21 -5.61
N PHE A 280 -19.79 -17.33 -6.21
CA PHE A 280 -18.66 -18.04 -5.56
C PHE A 280 -18.35 -17.40 -4.19
N LEU A 281 -18.15 -16.11 -4.22
CA LEU A 281 -17.73 -15.36 -3.01
C LEU A 281 -18.80 -15.40 -1.92
N GLU A 282 -20.04 -15.14 -2.27
CA GLU A 282 -21.11 -15.12 -1.24
C GLU A 282 -21.64 -16.43 -0.80
N ASN A 283 -21.77 -17.39 -1.74
CA ASN A 283 -22.44 -18.64 -1.41
C ASN A 283 -21.54 -19.83 -1.20
N TYR A 284 -20.26 -19.75 -1.60
CA TYR A 284 -19.32 -20.85 -1.34
C TYR A 284 -18.19 -20.44 -0.35
N LEU A 285 -17.45 -19.40 -0.70
CA LEU A 285 -16.31 -18.95 0.17
C LEU A 285 -16.81 -18.40 1.55
N LEU A 286 -17.61 -17.35 1.54
CA LEU A 286 -18.06 -16.72 2.85
C LEU A 286 -19.20 -17.44 3.53
N THR A 287 -18.96 -18.70 3.85
CA THR A 287 -19.83 -19.55 4.63
C THR A 287 -18.95 -20.27 5.60
N ASP A 288 -19.53 -20.87 6.65
CA ASP A 288 -18.77 -21.61 7.63
C ASP A 288 -17.90 -22.71 7.01
N GLU A 289 -18.45 -23.47 6.05
CA GLU A 289 -17.69 -24.58 5.49
C GLU A 289 -16.59 -24.08 4.53
N GLY A 290 -16.86 -22.98 3.86
CA GLY A 290 -15.94 -22.41 2.89
C GLY A 290 -14.72 -21.86 3.63
N LEU A 291 -14.98 -21.07 4.65
CA LEU A 291 -13.83 -20.45 5.39
C LEU A 291 -13.06 -21.52 6.13
N GLU A 292 -13.75 -22.55 6.65
CA GLU A 292 -13.07 -23.67 7.28
C GLU A 292 -12.12 -24.44 6.38
N ALA A 293 -12.53 -24.71 5.15
CA ALA A 293 -11.62 -25.29 4.17
C ALA A 293 -10.31 -24.51 4.00
N VAL A 294 -10.40 -23.20 3.84
CA VAL A 294 -9.22 -22.36 3.65
C VAL A 294 -8.39 -22.31 4.94
N ASN A 295 -9.10 -22.16 6.04
CA ASN A 295 -8.52 -21.95 7.35
C ASN A 295 -7.71 -23.13 7.78
N LYS A 296 -8.25 -24.32 7.53
CA LYS A 296 -7.52 -25.57 7.75
C LYS A 296 -6.25 -25.70 6.95
N ASP A 297 -6.16 -25.07 5.79
CA ASP A 297 -4.95 -25.02 5.03
C ASP A 297 -3.93 -24.06 5.67
N LYS A 298 -4.28 -22.76 5.70
CA LYS A 298 -3.47 -21.77 6.40
C LYS A 298 -4.39 -20.87 7.14
N PRO A 299 -4.17 -20.69 8.47
CA PRO A 299 -5.16 -19.92 9.19
C PRO A 299 -5.29 -18.50 8.68
N LEU A 300 -6.54 -18.06 8.63
CA LEU A 300 -6.93 -16.77 8.09
C LEU A 300 -6.74 -15.59 9.06
N GLY A 301 -6.73 -15.89 10.32
CA GLY A 301 -6.90 -14.86 11.39
C GLY A 301 -8.36 -14.80 11.88
N ALA A 302 -8.83 -13.60 12.21
CA ALA A 302 -10.20 -13.37 12.66
C ALA A 302 -11.11 -13.05 11.49
N VAL A 303 -11.92 -14.01 11.12
CA VAL A 303 -12.71 -13.90 9.89
C VAL A 303 -13.85 -12.83 9.91
N ALA A 304 -14.16 -12.27 8.75
CA ALA A 304 -15.18 -11.23 8.63
C ALA A 304 -16.59 -11.80 8.84
N LEU A 305 -16.79 -13.11 8.62
CA LEU A 305 -18.05 -13.86 8.79
C LEU A 305 -18.36 -14.10 10.28
N LYS A 306 -19.35 -13.37 10.79
CA LYS A 306 -19.69 -13.43 12.22
C LYS A 306 -19.94 -14.83 12.76
N SER A 307 -20.71 -15.65 12.05
CA SER A 307 -20.97 -17.02 12.51
C SER A 307 -19.72 -17.86 12.78
N TYR A 308 -18.72 -17.76 11.90
CA TYR A 308 -17.53 -18.57 12.03
C TYR A 308 -16.53 -17.86 12.99
N GLU A 309 -16.49 -16.53 12.97
CA GLU A 309 -15.61 -15.80 13.93
C GLU A 309 -15.96 -16.13 15.38
N GLU A 310 -17.23 -16.44 15.69
CA GLU A 310 -17.59 -16.80 17.09
C GLU A 310 -16.93 -18.05 17.56
N GLU A 311 -16.78 -19.06 16.69
CA GLU A 311 -15.95 -20.24 17.01
C GLU A 311 -14.41 -19.89 17.07
N LEU A 312 -13.88 -19.18 16.08
CA LEU A 312 -12.42 -18.93 16.06
C LEU A 312 -11.97 -18.06 17.26
N ALA A 313 -12.81 -17.12 17.70
CA ALA A 313 -12.47 -16.20 18.82
C ALA A 313 -12.16 -16.84 20.15
N LYS A 314 -12.47 -18.12 20.29
CA LYS A 314 -12.13 -18.89 21.48
C LYS A 314 -10.70 -19.34 21.51
N ASP A 315 -10.05 -19.31 20.35
CA ASP A 315 -8.63 -19.69 20.26
C ASP A 315 -7.73 -18.56 20.85
N PRO A 316 -6.88 -18.89 21.82
CA PRO A 316 -6.03 -17.86 22.41
C PRO A 316 -5.08 -17.20 21.38
N ARG A 317 -4.75 -17.89 20.27
CA ARG A 317 -3.92 -17.23 19.18
C ARG A 317 -4.67 -16.14 18.53
N ILE A 318 -6.02 -16.31 18.35
CA ILE A 318 -6.86 -15.33 17.75
C ILE A 318 -7.09 -14.16 18.70
N ALA A 319 -7.26 -14.45 19.96
CA ALA A 319 -7.35 -13.38 20.97
C ALA A 319 -6.09 -12.47 20.91
N ALA A 320 -4.90 -13.10 20.88
CA ALA A 320 -3.64 -12.37 20.77
C ALA A 320 -3.58 -11.54 19.53
N THR A 321 -4.05 -12.12 18.40
CA THR A 321 -4.16 -11.40 17.13
C THR A 321 -4.99 -10.15 17.27
N MET A 322 -6.15 -10.31 17.92
CA MET A 322 -7.10 -9.19 18.09
C MET A 322 -6.54 -8.14 19.05
N GLU A 323 -5.88 -8.56 20.10
CA GLU A 323 -5.18 -7.65 21.02
C GLU A 323 -4.14 -6.79 20.31
N ASN A 324 -3.27 -7.41 19.51
CA ASN A 324 -2.34 -6.62 18.73
C ASN A 324 -3.04 -5.73 17.72
N ALA A 325 -4.16 -6.19 17.11
CA ALA A 325 -4.84 -5.42 16.13
C ALA A 325 -5.40 -4.11 16.77
N GLN A 326 -5.92 -4.26 17.97
CA GLN A 326 -6.55 -3.18 18.74
C GLN A 326 -5.51 -2.11 19.08
N LYS A 327 -4.25 -2.49 19.22
CA LYS A 327 -3.22 -1.55 19.50
C LYS A 327 -2.68 -0.91 18.29
N GLY A 328 -2.96 -1.48 17.11
CA GLY A 328 -2.49 -0.93 15.87
C GLY A 328 -3.59 -0.15 15.22
N GLU A 329 -3.49 0.00 13.90
CA GLU A 329 -4.48 0.71 13.13
C GLU A 329 -4.80 -0.03 11.87
N ILE A 330 -6.04 0.17 11.43
CA ILE A 330 -6.46 -0.28 10.15
C ILE A 330 -5.72 0.45 9.05
N MET A 331 -5.10 -0.28 8.09
CA MET A 331 -4.42 0.45 7.04
C MET A 331 -5.42 1.33 6.26
N PRO A 332 -4.99 2.51 5.80
CA PRO A 332 -5.72 3.28 4.83
C PRO A 332 -5.79 2.52 3.48
N ASN A 333 -6.71 2.95 2.58
CA ASN A 333 -6.84 2.32 1.25
C ASN A 333 -6.65 3.31 0.11
N ILE A 334 -6.05 4.44 0.41
CA ILE A 334 -5.98 5.53 -0.54
C ILE A 334 -4.99 5.18 -1.63
N PRO A 335 -5.10 5.81 -2.79
CA PRO A 335 -4.26 5.35 -3.90
C PRO A 335 -2.75 5.50 -3.69
N GLN A 336 -2.31 6.40 -2.82
CA GLN A 336 -0.89 6.58 -2.55
C GLN A 336 -0.29 5.51 -1.55
N MET A 337 -1.11 4.58 -1.05
CA MET A 337 -0.56 3.49 -0.13
C MET A 337 0.53 2.75 -0.79
N SER A 338 0.38 2.42 -2.09
CA SER A 338 1.45 1.81 -2.86
C SER A 338 2.80 2.57 -2.81
N ALA A 339 2.70 3.90 -2.97
CA ALA A 339 3.93 4.67 -3.03
C ALA A 339 4.57 4.76 -1.60
N PHE A 340 3.75 4.90 -0.58
CA PHE A 340 4.17 4.88 0.82
C PHE A 340 4.98 3.55 1.08
N TRP A 341 4.47 2.40 0.63
CA TRP A 341 5.13 1.09 0.93
C TRP A 341 6.41 0.95 0.18
N TYR A 342 6.47 1.40 -1.09
CA TYR A 342 7.70 1.35 -1.84
C TYR A 342 8.76 2.21 -1.16
N ALA A 343 8.38 3.41 -0.69
CA ALA A 343 9.31 4.36 -0.09
C ALA A 343 9.87 3.82 1.26
N VAL A 344 8.97 3.33 2.10
CA VAL A 344 9.36 2.75 3.40
C VAL A 344 10.15 1.44 3.28
N ARG A 345 9.85 0.64 2.28
CA ARG A 345 10.61 -0.61 2.04
C ARG A 345 12.07 -0.26 1.75
N THR A 346 12.29 0.66 0.81
CA THR A 346 13.61 1.15 0.49
C THR A 346 14.36 1.74 1.67
N ALA A 347 13.66 2.48 2.52
CA ALA A 347 14.29 3.10 3.62
C ALA A 347 14.78 2.08 4.62
N VAL A 348 13.93 1.11 4.94
CA VAL A 348 14.32 0.07 5.91
C VAL A 348 15.53 -0.70 5.40
N ILE A 349 15.47 -1.13 4.16
CA ILE A 349 16.54 -1.90 3.57
C ILE A 349 17.82 -1.12 3.52
N ASN A 350 17.74 0.17 3.17
CA ASN A 350 18.96 0.97 3.07
C ASN A 350 19.53 1.31 4.47
N ALA A 351 18.69 1.56 5.48
CA ALA A 351 19.17 1.81 6.84
C ALA A 351 19.79 0.52 7.47
N ALA A 352 19.14 -0.60 7.29
CA ALA A 352 19.57 -1.88 7.87
C ALA A 352 20.92 -2.26 7.21
N SER A 353 21.06 -2.00 5.90
CA SER A 353 22.32 -2.33 5.18
C SER A 353 23.46 -1.35 5.39
N GLY A 354 23.19 -0.18 5.94
CA GLY A 354 24.20 0.81 6.03
C GLY A 354 24.32 1.70 4.83
N ARG A 355 23.54 1.47 3.77
CA ARG A 355 23.60 2.24 2.49
C ARG A 355 23.23 3.73 2.72
N GLN A 356 22.35 4.00 3.70
CA GLN A 356 22.02 5.33 4.14
C GLN A 356 21.94 5.33 5.65
N THR A 357 22.10 6.50 6.24
CA THR A 357 21.81 6.66 7.67
C THR A 357 20.34 6.64 7.92
N VAL A 358 19.93 6.50 9.18
CA VAL A 358 18.49 6.50 9.49
C VAL A 358 17.82 7.84 9.03
N ASP A 359 18.41 8.96 9.41
CA ASP A 359 17.86 10.29 9.02
C ASP A 359 17.73 10.46 7.49
N GLU A 360 18.72 10.01 6.75
CA GLU A 360 18.76 10.11 5.29
C GLU A 360 17.69 9.19 4.69
N ALA A 361 17.55 7.96 5.22
CA ALA A 361 16.58 7.01 4.69
C ALA A 361 15.18 7.47 4.89
N LEU A 362 14.86 7.99 6.06
CA LEU A 362 13.54 8.35 6.36
C LEU A 362 13.15 9.69 5.69
N LYS A 363 14.14 10.54 5.44
CA LYS A 363 13.91 11.78 4.64
C LYS A 363 13.46 11.36 3.24
N ASP A 364 14.20 10.47 2.60
CA ASP A 364 13.85 9.98 1.30
C ASP A 364 12.52 9.33 1.31
N ALA A 365 12.17 8.56 2.34
CA ALA A 365 10.85 7.95 2.35
C ALA A 365 9.74 8.99 2.48
N GLN A 366 10.00 10.03 3.26
CA GLN A 366 8.97 11.03 3.53
C GLN A 366 8.65 11.78 2.16
N THR A 367 9.71 12.16 1.46
CA THR A 367 9.63 12.74 0.09
C THR A 367 8.93 11.83 -0.91
N GLY A 368 9.25 10.54 -0.91
CA GLY A 368 8.57 9.60 -1.81
C GLY A 368 7.09 9.44 -1.51
N SER A 369 6.78 9.33 -0.24
CA SER A 369 5.42 9.13 0.15
C SER A 369 4.49 10.32 -0.18
N GLU A 370 5.01 11.51 -0.02
CA GLU A 370 4.22 12.73 -0.19
C GLU A 370 4.34 13.27 -1.58
N LEU A 371 5.08 12.61 -2.45
CA LEU A 371 5.40 13.20 -3.75
C LEU A 371 4.17 13.54 -4.55
N TYR A 372 3.24 12.60 -4.66
CA TYR A 372 2.09 12.82 -5.48
C TYR A 372 1.29 14.01 -4.93
N ARG A 373 0.93 14.00 -3.65
CA ARG A 373 0.12 15.11 -3.09
C ARG A 373 0.81 16.48 -3.15
N GLN A 374 2.10 16.49 -2.88
CA GLN A 374 2.87 17.71 -2.94
C GLN A 374 2.97 18.24 -4.37
N SER A 375 3.14 17.34 -5.33
CA SER A 375 3.21 17.76 -6.73
C SER A 375 1.85 18.28 -7.20
N LEU A 376 0.79 17.60 -6.79
CA LEU A 376 -0.52 18.03 -7.14
C LEU A 376 -0.86 19.41 -6.57
N GLU A 377 -0.56 19.65 -5.33
CA GLU A 377 -0.81 20.95 -4.75
C GLU A 377 -0.16 22.11 -5.54
N ILE A 378 1.11 21.93 -5.91
CA ILE A 378 1.85 22.88 -6.65
C ILE A 378 1.22 23.07 -8.07
N ILE A 379 1.06 21.98 -8.80
CA ILE A 379 0.59 22.05 -10.19
C ILE A 379 -0.87 22.54 -10.26
N SER A 380 -1.71 22.08 -9.36
CA SER A 380 -3.12 22.54 -9.36
C SER A 380 -3.21 24.04 -9.04
N ARG A 381 -2.45 24.51 -8.03
CA ARG A 381 -2.44 25.93 -7.72
C ARG A 381 -1.97 26.74 -8.88
N TYR A 382 -0.89 26.30 -9.50
CA TYR A 382 -0.35 27.05 -10.66
C TYR A 382 -1.34 27.10 -11.84
N LEU A 383 -1.87 25.95 -12.22
CA LEU A 383 -2.86 25.89 -13.31
C LEU A 383 -4.08 26.78 -13.02
N ARG A 384 -4.60 26.77 -11.79
CA ARG A 384 -5.81 27.51 -11.53
C ARG A 384 -5.56 29.00 -11.47
N GLU A 385 -4.44 29.46 -10.92
CA GLU A 385 -4.20 30.89 -10.85
C GLU A 385 -3.83 31.36 -12.24
N GLN A 386 -3.15 30.55 -13.07
CA GLN A 386 -2.90 30.97 -14.43
C GLN A 386 -4.22 31.19 -15.21
N ALA A 387 -5.16 30.29 -15.01
CA ALA A 387 -6.43 30.28 -15.76
C ALA A 387 -7.31 31.45 -15.36
N THR A 388 -7.37 31.74 -14.08
CA THR A 388 -8.29 32.73 -13.50
C THR A 388 -7.64 34.07 -13.28
N GLY A 389 -6.33 34.12 -13.16
CA GLY A 389 -5.61 35.33 -12.97
C GLY A 389 -5.45 35.77 -11.56
N ALA A 390 -5.93 34.98 -10.61
CA ALA A 390 -5.85 35.27 -9.20
C ALA A 390 -5.43 34.02 -8.45
N ALA A 391 -4.65 34.23 -7.38
CA ALA A 391 -4.12 33.13 -6.56
C ALA A 391 -5.09 32.63 -5.52
N ASP A 392 -4.84 31.38 -5.09
CA ASP A 392 -5.73 30.73 -4.11
C ASP A 392 -5.29 31.29 -2.75
N THR A 393 -6.25 31.91 -2.05
CA THR A 393 -6.02 32.53 -0.75
C THR A 393 -5.79 31.52 0.44
N ALA A 394 -6.13 30.23 0.27
CA ALA A 394 -5.97 29.23 1.38
C ALA A 394 -4.52 28.93 1.76
N PRO A 395 -4.23 28.67 3.06
CA PRO A 395 -2.84 28.28 3.33
C PRO A 395 -2.53 26.91 2.77
N MET A 396 -1.26 26.62 2.67
CA MET A 396 -0.80 25.35 2.15
C MET A 396 -0.97 24.25 3.21
N GLY A 397 -0.86 24.60 4.50
CA GLY A 397 -1.08 23.61 5.58
C GLY A 397 0.07 22.62 5.75
N GLY A 400 3.91 22.95 4.16
CA GLY A 400 3.68 23.81 3.02
C GLY A 400 4.81 24.76 2.63
N ALA A 401 5.87 24.81 3.45
CA ALA A 401 7.08 25.59 3.11
C ALA A 401 7.61 25.25 1.72
N THR A 402 7.82 23.96 1.47
CA THR A 402 8.24 23.49 0.12
C THR A 402 7.23 23.87 -0.99
N SER A 403 5.94 23.72 -0.74
CA SER A 403 4.92 24.07 -1.73
C SER A 403 5.00 25.55 -2.11
N ARG A 404 5.07 26.40 -1.10
CA ARG A 404 5.07 27.82 -1.29
C ARG A 404 6.30 28.21 -2.06
N LYS A 405 7.48 27.68 -1.73
CA LYS A 405 8.67 28.15 -2.43
C LYS A 405 8.72 27.57 -3.83
N ALA A 406 8.18 26.35 -3.95
CA ALA A 406 8.18 25.73 -5.31
C ALA A 406 7.25 26.50 -6.21
N LEU A 407 6.12 26.93 -5.66
CA LEU A 407 5.19 27.77 -6.45
C LEU A 407 5.76 29.08 -6.88
N GLU A 408 6.46 29.78 -5.98
CA GLU A 408 7.15 31.00 -6.30
C GLU A 408 8.16 30.80 -7.43
N THR A 409 8.90 29.71 -7.34
CA THR A 409 9.84 29.34 -8.38
C THR A 409 9.19 29.07 -9.70
N LEU A 410 8.08 28.32 -9.66
CA LEU A 410 7.43 27.95 -10.87
C LEU A 410 6.83 29.21 -11.54
N ARG A 411 6.29 30.14 -10.76
CA ARG A 411 5.78 31.36 -11.34
C ARG A 411 6.87 32.11 -12.10
N ARG A 412 8.06 32.21 -11.50
CA ARG A 412 9.19 32.96 -12.09
C ARG A 412 9.67 32.27 -13.31
N VAL A 413 9.98 30.99 -13.21
CA VAL A 413 10.48 30.26 -14.35
C VAL A 413 9.43 30.00 -15.42
N GLY A 414 8.21 29.64 -15.01
CA GLY A 414 7.15 29.29 -15.95
C GLY A 414 6.63 30.49 -16.80
N ASP A 415 6.71 31.69 -16.28
CA ASP A 415 6.35 32.95 -17.03
C ASP A 415 7.17 32.99 -18.34
N GLY A 416 8.49 32.87 -18.18
CA GLY A 416 9.43 32.85 -19.29
C GLY A 416 9.15 31.74 -20.29
N VAL A 417 8.92 30.54 -19.80
CA VAL A 417 8.68 29.42 -20.67
C VAL A 417 7.39 29.57 -21.48
N GLN A 418 6.33 30.02 -20.84
CA GLN A 418 5.10 30.19 -21.56
C GLN A 418 5.18 31.32 -22.63
N ARG A 419 5.90 32.37 -22.31
CA ARG A 419 6.18 33.51 -23.24
C ARG A 419 6.95 32.99 -24.48
N ASN A 420 8.08 32.34 -24.21
CA ASN A 420 8.92 31.83 -25.32
C ASN A 420 8.24 30.75 -26.17
N HIS A 421 7.40 29.89 -25.55
CA HIS A 421 6.77 28.77 -26.22
C HIS A 421 5.36 29.06 -26.69
N GLU A 422 4.89 30.31 -26.64
CA GLU A 422 3.47 30.60 -26.89
C GLU A 422 3.02 30.12 -28.27
N THR A 423 3.82 30.38 -29.31
CA THR A 423 3.45 29.93 -30.62
C THR A 423 3.39 28.41 -30.70
N ALA A 424 4.37 27.72 -30.13
CA ALA A 424 4.40 26.26 -30.23
C ALA A 424 3.21 25.68 -29.45
N PHE A 425 2.91 26.28 -28.33
CA PHE A 425 1.78 25.77 -27.48
C PHE A 425 0.45 25.99 -28.19
N GLN A 426 0.29 27.15 -28.80
CA GLN A 426 -0.93 27.47 -29.63
C GLN A 426 -1.15 26.38 -30.69
N GLY A 427 -0.06 26.02 -31.39
CA GLY A 427 -0.12 25.04 -32.46
C GLY A 427 -0.40 23.63 -31.98
N MET A 428 0.23 23.23 -30.88
CA MET A 428 -0.05 21.97 -30.25
C MET A 428 -1.49 21.90 -29.73
N LEU A 429 -1.95 22.91 -29.01
CA LEU A 429 -3.35 22.86 -28.54
C LEU A 429 -4.31 22.71 -29.70
N ARG A 430 -4.06 23.41 -30.82
CA ARG A 430 -5.01 23.37 -31.97
C ARG A 430 -5.09 21.99 -32.59
N LYS A 431 -3.94 21.36 -32.69
CA LYS A 431 -3.81 19.98 -33.13
C LYS A 431 -4.50 18.92 -32.21
N LEU A 432 -4.59 19.18 -30.91
CA LEU A 432 -5.17 18.22 -29.95
C LEU A 432 -6.65 18.42 -29.66
N ASP A 433 -7.19 19.61 -29.86
CA ASP A 433 -8.65 19.84 -29.74
C ASP A 433 -9.25 19.34 -28.40
N ILE A 434 -8.83 19.97 -27.30
CA ILE A 434 -9.32 19.63 -25.96
C ILE A 434 -10.47 20.56 -25.65
N LYS A 435 -11.65 19.98 -25.52
CA LYS A 435 -12.89 20.73 -25.44
C LYS A 435 -13.62 20.47 -24.15
N ASN A 436 -13.28 19.40 -23.43
CA ASN A 436 -14.14 18.92 -22.34
C ASN A 436 -13.42 17.81 -21.54
N GLU A 437 -14.11 17.32 -20.51
CA GLU A 437 -13.49 16.38 -19.63
C GLU A 437 -13.07 15.07 -20.36
N ASP A 438 -13.82 14.62 -21.37
CA ASP A 438 -13.43 13.39 -22.10
C ASP A 438 -12.09 13.51 -22.78
N ASP A 439 -11.81 14.68 -23.38
CA ASP A 439 -10.52 14.91 -24.06
C ASP A 439 -9.33 14.99 -23.08
N VAL A 440 -9.57 15.43 -21.86
CA VAL A 440 -8.48 15.48 -20.86
C VAL A 440 -7.95 14.06 -20.51
N LYS A 441 -8.86 13.09 -20.37
CA LYS A 441 -8.52 11.64 -20.42
C LYS A 441 -7.51 11.28 -21.56
N SER A 442 -7.78 11.69 -22.79
CA SER A 442 -6.85 11.40 -23.92
C SER A 442 -5.47 12.14 -23.88
N LEU A 443 -5.42 13.24 -23.12
CA LEU A 443 -4.18 13.98 -22.94
C LEU A 443 -3.04 13.18 -22.31
N SER A 444 -3.39 12.29 -21.37
CA SER A 444 -2.41 11.45 -20.66
C SER A 444 -1.51 10.68 -21.59
N ARG A 445 -2.08 9.90 -22.52
CA ARG A 445 -1.29 9.11 -23.49
C ARG A 445 -0.33 10.02 -24.29
N VAL A 446 -0.80 11.19 -24.71
CA VAL A 446 0.06 12.09 -25.51
C VAL A 446 1.22 12.65 -24.67
N MET A 447 0.93 13.03 -23.42
CA MET A 447 1.94 13.65 -22.56
C MET A 447 2.99 12.63 -22.13
N ILE A 448 2.56 11.41 -21.87
CA ILE A 448 3.53 10.35 -21.53
C ILE A 448 4.55 10.23 -22.65
N HIS A 449 4.03 10.05 -23.86
CA HIS A 449 4.87 9.89 -25.03
C HIS A 449 5.82 11.10 -25.16
N VAL A 450 5.25 12.31 -25.25
CA VAL A 450 6.05 13.54 -25.52
C VAL A 450 6.97 13.81 -24.34
N PHE A 451 6.43 13.75 -23.11
CA PHE A 451 7.23 14.00 -21.92
C PHE A 451 8.28 12.90 -21.69
N SER A 452 7.86 11.64 -21.59
CA SER A 452 8.79 10.51 -21.28
C SER A 452 9.89 10.24 -22.32
N ASP A 453 9.54 10.21 -23.61
CA ASP A 453 10.52 9.97 -24.68
C ASP A 453 11.32 11.27 -24.85
N GLY A 454 12.26 11.45 -23.93
CA GLY A 454 13.03 12.68 -23.76
C GLY A 454 13.85 12.50 -22.48
N VAL A 455 15.08 13.00 -22.47
CA VAL A 455 15.87 13.17 -21.22
C VAL A 455 15.10 13.98 -20.14
N THR A 456 15.30 13.64 -18.87
CA THR A 456 14.62 14.29 -17.77
C THR A 456 15.47 15.38 -17.17
N ASN A 457 14.90 16.57 -17.06
CA ASN A 457 15.55 17.63 -16.32
C ASN A 457 14.42 18.58 -15.85
N TRP A 458 14.75 19.48 -14.97
CA TRP A 458 13.72 20.38 -14.40
C TRP A 458 13.18 21.31 -15.47
N GLY A 459 13.99 21.67 -16.48
CA GLY A 459 13.53 22.52 -17.61
C GLY A 459 12.39 21.83 -18.34
N ARG A 460 12.53 20.52 -18.64
CA ARG A 460 11.45 19.79 -19.27
C ARG A 460 10.17 19.60 -18.41
N ILE A 461 10.36 19.50 -17.09
CA ILE A 461 9.23 19.41 -16.19
C ILE A 461 8.48 20.80 -16.24
N VAL A 462 9.20 21.87 -16.21
CA VAL A 462 8.56 23.20 -16.25
C VAL A 462 7.86 23.37 -17.57
N THR A 463 8.43 22.85 -18.67
CA THR A 463 7.74 22.95 -19.93
C THR A 463 6.41 22.20 -19.94
N LEU A 464 6.36 20.99 -19.33
CA LEU A 464 5.18 20.19 -19.26
C LEU A 464 4.12 20.93 -18.49
N ILE A 465 4.57 21.45 -17.35
CA ILE A 465 3.56 22.12 -16.46
C ILE A 465 3.08 23.45 -17.09
N SER A 466 3.96 24.13 -17.78
CA SER A 466 3.62 25.36 -18.55
C SER A 466 2.61 25.13 -19.67
N PHE A 467 2.77 24.03 -20.43
CA PHE A 467 1.73 23.57 -21.34
C PHE A 467 0.39 23.35 -20.65
N GLY A 468 0.46 22.70 -19.49
CA GLY A 468 -0.70 22.53 -18.70
C GLY A 468 -1.38 23.86 -18.42
N ALA A 469 -0.62 24.84 -18.00
CA ALA A 469 -1.17 26.16 -17.62
C ALA A 469 -1.85 26.84 -18.83
N PHE A 470 -1.22 26.70 -19.96
CA PHE A 470 -1.72 27.22 -21.23
C PHE A 470 -3.07 26.57 -21.67
N VAL A 471 -3.16 25.27 -21.46
CA VAL A 471 -4.40 24.54 -21.63
C VAL A 471 -5.45 24.98 -20.65
N ALA A 472 -5.06 25.10 -19.38
CA ALA A 472 -5.98 25.63 -18.36
C ALA A 472 -6.57 26.97 -18.73
N LYS A 473 -5.76 27.90 -19.19
CA LYS A 473 -6.30 29.21 -19.57
C LYS A 473 -7.40 29.06 -20.71
N HIS A 474 -7.10 28.22 -21.68
CA HIS A 474 -8.03 27.89 -22.81
C HIS A 474 -9.33 27.29 -22.26
N LEU A 475 -9.22 26.32 -21.32
CA LEU A 475 -10.39 25.70 -20.75
C LEU A 475 -11.23 26.67 -20.04
N LYS A 476 -10.63 27.61 -19.32
CA LYS A 476 -11.40 28.61 -18.62
C LYS A 476 -12.15 29.53 -19.60
N THR A 477 -11.50 29.89 -20.69
CA THR A 477 -12.04 30.80 -21.68
CA THR A 477 -12.06 30.80 -21.65
C THR A 477 -13.30 30.18 -22.34
N ILE A 478 -13.33 28.86 -22.51
CA ILE A 478 -14.49 28.11 -23.15
C ILE A 478 -15.49 27.58 -22.16
N ASN A 479 -15.48 28.13 -20.95
CA ASN A 479 -16.38 27.80 -19.85
C ASN A 479 -16.27 26.31 -19.42
N GLN A 480 -15.05 25.73 -19.44
CA GLN A 480 -14.81 24.38 -18.99
C GLN A 480 -13.82 24.44 -17.76
N GLU A 481 -14.02 25.38 -16.87
CA GLU A 481 -13.07 25.56 -15.76
C GLU A 481 -13.09 24.28 -14.89
N SER A 482 -14.22 23.53 -14.87
CA SER A 482 -14.28 22.23 -14.11
C SER A 482 -13.35 21.14 -14.67
N CYS A 483 -12.79 21.33 -15.85
CA CYS A 483 -11.81 20.38 -16.37
C CYS A 483 -10.34 20.68 -15.86
N ILE A 484 -10.12 21.81 -15.17
CA ILE A 484 -8.77 22.20 -14.77
C ILE A 484 -8.23 21.22 -13.71
N GLU A 485 -9.01 20.94 -12.69
CA GLU A 485 -8.55 19.95 -11.71
C GLU A 485 -8.21 18.57 -12.28
N PRO A 486 -9.11 17.96 -13.10
CA PRO A 486 -8.69 16.74 -13.78
C PRO A 486 -7.45 16.86 -14.65
N LEU A 487 -7.29 18.00 -15.34
CA LEU A 487 -6.05 18.24 -16.08
C LEU A 487 -4.81 18.21 -15.13
N ALA A 488 -4.90 18.93 -14.04
CA ALA A 488 -3.80 18.99 -13.07
C ALA A 488 -3.48 17.54 -12.53
N GLU A 489 -4.51 16.76 -12.25
CA GLU A 489 -4.36 15.36 -11.80
C GLU A 489 -3.66 14.51 -12.80
N SER A 490 -3.99 14.70 -14.04
CA SER A 490 -3.39 13.98 -15.13
C SER A 490 -1.91 14.32 -15.33
N ILE A 491 -1.58 15.61 -15.34
CA ILE A 491 -0.19 15.98 -15.42
C ILE A 491 0.59 15.41 -14.23
N THR A 492 0.06 15.54 -13.02
CA THR A 492 0.77 15.09 -11.84
C THR A 492 0.98 13.57 -11.92
N ASP A 493 -0.06 12.89 -12.40
CA ASP A 493 0.06 11.43 -12.63
C ASP A 493 1.20 11.06 -13.60
N VAL A 494 1.32 11.72 -14.75
CA VAL A 494 2.39 11.43 -15.70
C VAL A 494 3.74 11.73 -15.11
N LEU A 495 3.86 12.90 -14.47
CA LEU A 495 5.09 13.27 -13.88
C LEU A 495 5.53 12.23 -12.81
N VAL A 496 4.64 11.92 -11.86
CA VAL A 496 5.15 11.15 -10.74
C VAL A 496 5.19 9.66 -11.10
N ARG A 497 4.34 9.18 -12.00
CA ARG A 497 4.40 7.74 -12.35
C ARG A 497 5.68 7.44 -13.11
N THR A 498 6.04 8.30 -14.04
CA THR A 498 7.23 8.10 -14.84
C THR A 498 8.52 8.63 -14.24
N LYS A 499 8.51 9.64 -13.36
CA LYS A 499 9.79 10.25 -12.90
C LYS A 499 10.10 10.14 -11.40
N ARG A 500 9.32 9.33 -10.71
CA ARG A 500 9.42 9.16 -9.28
C ARG A 500 10.84 9.02 -8.77
N ASP A 501 11.60 8.06 -9.31
CA ASP A 501 12.93 7.80 -8.76
C ASP A 501 13.87 9.00 -9.01
N TRP A 502 13.86 9.56 -10.22
CA TRP A 502 14.66 10.76 -10.50
C TRP A 502 14.27 11.94 -9.54
N LEU A 503 12.97 12.15 -9.40
CA LEU A 503 12.45 13.18 -8.49
C LEU A 503 12.93 12.98 -7.10
N VAL A 504 12.90 11.73 -6.59
CA VAL A 504 13.42 11.50 -5.24
C VAL A 504 14.93 11.75 -5.14
N LYS A 505 15.69 11.32 -6.14
CA LYS A 505 17.15 11.48 -6.16
C LYS A 505 17.49 12.97 -6.23
N GLN A 506 16.64 13.75 -6.91
CA GLN A 506 16.83 15.22 -7.01
C GLN A 506 16.31 16.00 -5.80
N ARG A 507 15.98 15.29 -4.73
CA ARG A 507 15.39 15.86 -3.50
C ARG A 507 13.98 16.55 -3.71
N GLY A 508 13.19 15.98 -4.62
CA GLY A 508 11.83 16.45 -4.83
C GLY A 508 11.79 17.92 -5.09
N TRP A 509 10.73 18.56 -4.62
CA TRP A 509 10.50 19.99 -4.99
C TRP A 509 11.52 20.91 -4.32
N ASP A 510 12.20 20.43 -3.27
CA ASP A 510 13.32 21.27 -2.70
C ASP A 510 14.47 21.36 -3.65
N GLY A 511 14.72 20.29 -4.40
CA GLY A 511 15.65 20.30 -5.48
C GLY A 511 15.34 21.29 -6.58
N PHE A 512 14.09 21.29 -7.03
CA PHE A 512 13.58 22.26 -8.00
C PHE A 512 13.91 23.73 -7.57
N VAL A 513 13.61 24.06 -6.35
CA VAL A 513 13.80 25.35 -5.79
C VAL A 513 15.30 25.73 -5.79
N GLU A 514 16.12 24.79 -5.36
CA GLU A 514 17.59 24.97 -5.35
C GLU A 514 18.12 25.13 -6.78
N PHE A 515 17.71 24.31 -7.76
CA PHE A 515 18.19 24.40 -9.11
C PHE A 515 17.97 25.74 -9.80
N PHE A 516 16.79 26.34 -9.55
CA PHE A 516 16.43 27.63 -10.18
C PHE A 516 16.69 28.81 -9.27
N HIS A 517 17.35 28.58 -8.13
CA HIS A 517 17.43 29.58 -7.09
C HIS A 517 18.00 30.90 -7.65
N VAL A 518 19.79 30.67 -8.23
CA VAL A 518 19.76 30.11 -9.58
C VAL A 518 21.19 29.95 -9.97
#